data_6BL7
#
_entry.id   6BL7
#
_cell.length_a   57.252
_cell.length_b   30.112
_cell.length_c   72.856
_cell.angle_alpha   90.000
_cell.angle_beta   102.080
_cell.angle_gamma   90.000
#
_symmetry.space_group_name_H-M   'P 1 21 1'
#
loop_
_entity.id
_entity.type
_entity.pdbx_description
1 polymer 'Protein STU2'
2 water water
#
_entity_poly.entity_id   1
_entity_poly.type   'polypeptide(L)'
_entity_poly.pdbx_seq_one_letter_code
;GSH(MSE)DKNEKLIEEYKYRLQKLQNDE(MSE)IWTKERQSLLEK(MSE)NNTENYKIE(MSE)IKENE(MSE)LREQL
KEAQSKLNEKNIQLRSKEIDVNKLSDRVLSLENELRN(MSE)EIELDRNKKRND
;
_entity_poly.pdbx_strand_id   A,B
#
# COMPACT_ATOMS: atom_id res chain seq x y z
N ASN A 7 -68.72 8.84 27.69
CA ASN A 7 -67.56 9.12 26.78
C ASN A 7 -66.76 7.86 26.43
N GLU A 8 -67.42 6.70 26.49
CA GLU A 8 -66.78 5.40 26.24
C GLU A 8 -66.18 5.28 24.84
N LYS A 9 -66.87 5.84 23.84
CA LYS A 9 -66.41 5.83 22.46
C LYS A 9 -65.24 6.79 22.22
N LEU A 10 -65.28 7.95 22.88
CA LEU A 10 -64.23 8.96 22.77
C LEU A 10 -62.92 8.47 23.38
N ILE A 11 -63.01 7.86 24.57
CA ILE A 11 -61.85 7.31 25.27
C ILE A 11 -61.25 6.13 24.49
N GLU A 12 -62.10 5.32 23.87
CA GLU A 12 -61.67 4.20 23.04
C GLU A 12 -60.86 4.67 21.83
N GLU A 13 -61.34 5.71 21.16
CA GLU A 13 -60.67 6.29 20.00
C GLU A 13 -59.27 6.79 20.35
N TYR A 14 -59.14 7.39 21.53
CA TYR A 14 -57.84 7.83 22.04
C TYR A 14 -56.92 6.64 22.33
N LYS A 15 -57.45 5.62 23.00
CA LYS A 15 -56.68 4.42 23.34
C LYS A 15 -56.26 3.59 22.13
N TYR A 16 -57.07 3.64 21.07
CA TYR A 16 -56.75 2.96 19.82
C TYR A 16 -55.62 3.67 19.07
N ARG A 17 -55.62 5.00 19.10
CA ARG A 17 -54.61 5.80 18.45
C ARG A 17 -53.32 5.91 19.27
N LEU A 18 -53.45 5.78 20.59
CA LEU A 18 -52.29 5.70 21.48
C LEU A 18 -51.60 4.35 21.34
N GLN A 19 -52.39 3.30 21.13
CA GLN A 19 -51.88 1.95 20.92
C GLN A 19 -51.07 1.85 19.63
N LYS A 20 -51.56 2.51 18.57
CA LYS A 20 -50.88 2.52 17.28
C LYS A 20 -49.52 3.23 17.32
N LEU A 21 -49.48 4.37 18.01
CA LEU A 21 -48.25 5.16 18.11
C LEU A 21 -47.24 4.56 19.09
N GLN A 22 -47.73 3.83 20.08
CA GLN A 22 -46.88 3.08 21.00
C GLN A 22 -46.35 1.79 20.35
N ASN A 23 -47.10 1.28 19.37
CA ASN A 23 -46.63 0.20 18.51
C ASN A 23 -45.54 0.67 17.57
N ASP A 24 -45.70 1.91 17.08
CA ASP A 24 -44.72 2.54 16.20
C ASP A 24 -43.44 2.91 16.96
N GLU A 25 -43.58 3.20 18.26
CA GLU A 25 -42.43 3.44 19.13
C GLU A 25 -41.43 2.29 19.09
N ILE A 27 -41.34 0.17 16.46
CA ILE A 27 -40.90 0.13 15.07
C ILE A 27 -39.72 1.07 14.81
N TRP A 28 -39.78 2.28 15.38
CA TRP A 28 -38.69 3.25 15.24
C TRP A 28 -37.45 2.77 15.94
N THR A 29 -37.63 2.16 17.10
CA THR A 29 -36.53 1.58 17.88
C THR A 29 -35.89 0.41 17.14
N LYS A 30 -36.70 -0.36 16.43
CA LYS A 30 -36.23 -1.51 15.65
C LYS A 30 -35.40 -1.07 14.43
N GLU A 31 -35.88 -0.06 13.72
CA GLU A 31 -35.21 0.42 12.51
C GLU A 31 -34.00 1.32 12.81
N ARG A 32 -33.94 1.88 14.01
CA ARG A 32 -32.75 2.64 14.43
C ARG A 32 -31.65 1.71 14.92
N GLN A 33 -32.04 0.56 15.45
CA GLN A 33 -31.11 -0.50 15.81
C GLN A 33 -30.47 -1.08 14.56
N SER A 34 -31.27 -1.21 13.51
CA SER A 34 -30.81 -1.71 12.21
C SER A 34 -29.82 -0.73 11.55
N LEU A 35 -30.09 0.56 11.69
CA LEU A 35 -29.22 1.61 11.15
C LEU A 35 -27.91 1.70 11.93
N LEU A 36 -27.98 1.49 13.23
CA LEU A 36 -26.79 1.44 14.10
C LEU A 36 -25.91 0.23 13.78
N GLU A 37 -26.55 -0.89 13.46
CA GLU A 37 -25.85 -2.11 13.05
C GLU A 37 -25.17 -1.93 11.70
N LYS A 38 -25.85 -1.22 10.79
CA LYS A 38 -25.33 -0.95 9.45
C LYS A 38 -24.22 0.10 9.44
N ASN A 40 -22.18 0.59 11.98
CA ASN A 40 -21.03 -0.08 12.59
C ASN A 40 -20.25 -0.94 11.60
N ASN A 41 -20.98 -1.65 10.73
CA ASN A 41 -20.39 -2.48 9.69
C ASN A 41 -19.59 -1.68 8.66
N THR A 42 -20.11 -0.50 8.32
CA THR A 42 -19.44 0.42 7.41
C THR A 42 -18.20 1.02 8.05
N GLU A 43 -18.28 1.29 9.36
CA GLU A 43 -17.17 1.83 10.13
C GLU A 43 -16.07 0.79 10.34
N ASN A 44 -16.47 -0.44 10.66
CA ASN A 44 -15.52 -1.54 10.85
C ASN A 44 -14.77 -1.94 9.58
N TYR A 45 -15.43 -1.76 8.43
CA TYR A 45 -14.80 -1.98 7.13
C TYR A 45 -13.83 -0.84 6.82
N LYS A 46 -14.21 0.37 7.21
CA LYS A 46 -13.38 1.56 7.03
C LYS A 46 -12.08 1.44 7.84
N ILE A 47 -12.20 0.98 9.09
CA ILE A 47 -11.05 0.74 9.96
C ILE A 47 -10.13 -0.32 9.37
N GLU A 48 -10.72 -1.37 8.81
CA GLU A 48 -9.98 -2.45 8.15
C GLU A 48 -9.22 -1.94 6.92
N ILE A 50 -8.20 1.26 6.51
CA ILE A 50 -7.13 2.12 7.05
C ILE A 50 -5.97 1.27 7.60
N LYS A 51 -6.31 0.15 8.24
CA LYS A 51 -5.32 -0.81 8.74
C LYS A 51 -4.47 -1.38 7.60
N GLU A 52 -5.13 -1.67 6.48
CA GLU A 52 -4.45 -2.16 5.28
C GLU A 52 -3.65 -1.06 4.59
N ASN A 53 -4.16 0.17 4.64
CA ASN A 53 -3.47 1.33 4.07
C ASN A 53 -2.17 1.66 4.81
N GLU A 54 -2.18 1.52 6.13
CA GLU A 54 -0.99 1.72 6.95
C GLU A 54 0.03 0.60 6.74
N LEU A 56 0.22 -0.98 3.78
CA LEU A 56 0.70 -0.72 2.43
C LEU A 56 1.71 0.43 2.38
N ARG A 57 1.53 1.42 3.26
CA ARG A 57 2.46 2.55 3.37
C ARG A 57 3.82 2.13 3.92
N GLU A 58 3.80 1.18 4.87
CA GLU A 58 5.02 0.65 5.47
C GLU A 58 5.79 -0.24 4.49
N GLN A 59 5.04 -0.99 3.68
CA GLN A 59 5.63 -1.85 2.64
C GLN A 59 6.18 -1.01 1.49
N LEU A 60 5.58 0.14 1.24
CA LEU A 60 6.03 1.08 0.21
C LEU A 60 7.33 1.77 0.64
N LYS A 61 7.43 2.06 1.93
CA LYS A 61 8.65 2.63 2.51
C LYS A 61 9.81 1.65 2.49
N GLU A 62 9.51 0.37 2.73
CA GLU A 62 10.50 -0.70 2.71
C GLU A 62 10.97 -1.00 1.28
N ALA A 63 10.04 -0.95 0.33
CA ALA A 63 10.33 -1.18 -1.08
C ALA A 63 11.23 -0.10 -1.66
N GLN A 64 11.06 1.13 -1.17
CA GLN A 64 11.88 2.27 -1.60
C GLN A 64 13.23 2.29 -0.88
N SER A 65 13.28 1.68 0.31
CA SER A 65 14.53 1.56 1.08
C SER A 65 15.46 0.54 0.44
N LYS A 66 14.89 -0.56 -0.03
CA LYS A 66 15.65 -1.59 -0.75
C LYS A 66 16.01 -1.12 -2.16
N LEU A 67 15.11 -0.33 -2.76
CA LEU A 67 15.35 0.27 -4.08
C LEU A 67 16.58 1.16 -4.07
N ASN A 68 16.76 1.91 -2.99
CA ASN A 68 17.92 2.77 -2.80
C ASN A 68 19.19 1.96 -2.54
N GLU A 69 19.08 0.93 -1.70
CA GLU A 69 20.22 0.07 -1.35
C GLU A 69 20.74 -0.75 -2.52
N LYS A 70 19.84 -1.18 -3.41
CA LYS A 70 20.22 -1.89 -4.63
C LYS A 70 20.93 -0.97 -5.62
N ASN A 71 20.52 0.31 -5.66
CA ASN A 71 21.17 1.32 -6.49
C ASN A 71 22.57 1.69 -5.98
N ILE A 72 22.77 1.63 -4.67
CA ILE A 72 24.08 1.81 -4.06
C ILE A 72 24.98 0.61 -4.40
N GLN A 73 24.38 -0.58 -4.42
CA GLN A 73 25.09 -1.81 -4.78
C GLN A 73 25.38 -1.89 -6.28
N LEU A 74 24.53 -1.28 -7.10
CA LEU A 74 24.72 -1.24 -8.55
C LEU A 74 25.86 -0.31 -8.97
N ARG A 75 25.94 0.86 -8.35
CA ARG A 75 27.01 1.81 -8.62
C ARG A 75 28.35 1.35 -8.02
N SER A 76 28.29 0.48 -7.01
CA SER A 76 29.48 -0.13 -6.43
C SER A 76 30.09 -1.16 -7.36
N LYS A 77 29.24 -1.91 -8.05
CA LYS A 77 29.68 -2.90 -9.03
C LYS A 77 30.08 -2.24 -10.36
N GLU A 78 29.55 -1.04 -10.60
CA GLU A 78 29.90 -0.26 -11.79
C GLU A 78 31.33 0.29 -11.69
N ILE A 79 31.72 0.70 -10.48
CA ILE A 79 33.09 1.13 -10.19
C ILE A 79 34.05 -0.07 -10.31
N ASP A 80 33.58 -1.24 -9.87
CA ASP A 80 34.34 -2.49 -10.00
C ASP A 80 34.58 -2.86 -11.46
N VAL A 81 33.60 -2.57 -12.32
CA VAL A 81 33.73 -2.74 -13.76
C VAL A 81 34.76 -1.77 -14.32
N ASN A 82 34.67 -0.50 -13.90
CA ASN A 82 35.58 0.55 -14.34
C ASN A 82 37.03 0.33 -13.92
N LYS A 83 37.22 -0.17 -12.69
CA LYS A 83 38.55 -0.46 -12.16
C LYS A 83 39.22 -1.65 -12.85
N LEU A 84 38.43 -2.70 -13.09
CA LEU A 84 38.94 -3.90 -13.75
C LEU A 84 39.20 -3.70 -15.24
N SER A 85 38.36 -2.90 -15.89
CA SER A 85 38.52 -2.59 -17.32
C SER A 85 39.76 -1.74 -17.57
N ASP A 86 40.06 -0.84 -16.64
CA ASP A 86 41.30 -0.04 -16.69
C ASP A 86 42.52 -0.92 -16.43
N ARG A 87 42.34 -1.96 -15.61
CA ARG A 87 43.39 -2.93 -15.33
C ARG A 87 43.63 -3.82 -16.55
N VAL A 88 42.55 -4.25 -17.20
CA VAL A 88 42.62 -5.08 -18.42
C VAL A 88 43.40 -4.37 -19.53
N LEU A 89 43.06 -3.10 -19.77
CA LEU A 89 43.73 -2.29 -20.79
C LEU A 89 45.21 -2.04 -20.47
N SER A 90 45.51 -1.86 -19.18
CA SER A 90 46.88 -1.65 -18.72
C SER A 90 47.74 -2.90 -18.86
N LEU A 91 47.14 -4.06 -18.62
CA LEU A 91 47.84 -5.34 -18.76
C LEU A 91 48.06 -5.71 -20.23
N GLU A 92 47.10 -5.32 -21.08
CA GLU A 92 47.21 -5.56 -22.53
C GLU A 92 48.29 -4.69 -23.18
N ASN A 93 48.45 -3.47 -22.66
CA ASN A 93 49.51 -2.58 -23.10
C ASN A 93 50.89 -3.07 -22.66
N GLU A 94 50.93 -3.67 -21.47
CA GLU A 94 52.16 -4.24 -20.92
C GLU A 94 52.51 -5.56 -21.61
N LEU A 95 51.49 -6.31 -21.99
CA LEU A 95 51.65 -7.56 -22.75
C LEU A 95 52.18 -7.27 -24.15
N ARG A 96 51.71 -6.16 -24.73
CA ARG A 96 52.18 -5.70 -26.03
C ARG A 96 53.66 -5.33 -25.97
N ASN A 97 54.05 -4.59 -24.92
CA ASN A 97 55.44 -4.16 -24.71
C ASN A 97 56.42 -5.31 -24.59
N GLU A 99 55.89 -8.36 -25.80
CA GLU A 99 55.87 -9.02 -27.11
C GLU A 99 56.70 -8.28 -28.16
N ILE A 100 56.81 -6.95 -27.99
CA ILE A 100 57.67 -6.13 -28.84
C ILE A 100 59.14 -6.38 -28.50
N GLU A 101 59.44 -6.49 -27.21
CA GLU A 101 60.80 -6.74 -26.73
C GLU A 101 61.27 -8.17 -27.06
N LEU A 102 60.31 -9.09 -27.18
CA LEU A 102 60.61 -10.49 -27.50
C LEU A 102 61.09 -10.67 -28.95
N ASP A 103 60.35 -10.06 -29.88
CA ASP A 103 60.70 -10.13 -31.30
C ASP A 103 61.96 -9.33 -31.64
N ARG A 104 62.31 -8.40 -30.75
CA ARG A 104 63.55 -7.63 -30.84
C ARG A 104 64.75 -8.55 -30.60
N ASN A 105 64.57 -9.54 -29.73
CA ASN A 105 65.63 -10.51 -29.40
C ASN A 105 65.35 -11.88 -30.02
N GLU B 8 -63.59 14.69 31.80
CA GLU B 8 -63.28 15.98 31.14
C GLU B 8 -61.79 16.31 31.29
N LYS B 9 -61.27 16.17 32.50
CA LYS B 9 -59.84 16.29 32.77
C LYS B 9 -59.11 15.04 32.25
N LEU B 10 -59.87 13.94 32.19
CA LEU B 10 -59.40 12.68 31.64
C LEU B 10 -59.14 12.79 30.13
N ILE B 11 -60.03 13.50 29.44
CA ILE B 11 -59.94 13.69 27.99
C ILE B 11 -58.75 14.58 27.62
N GLU B 12 -58.47 15.58 28.45
CA GLU B 12 -57.35 16.49 28.24
C GLU B 12 -56.02 15.79 28.45
N GLU B 13 -56.00 14.77 29.29
CA GLU B 13 -54.81 13.95 29.53
C GLU B 13 -54.54 13.03 28.33
N TYR B 14 -55.60 12.49 27.74
CA TYR B 14 -55.51 11.68 26.53
C TYR B 14 -55.09 12.51 25.32
N LYS B 15 -55.55 13.76 25.27
CA LYS B 15 -55.24 14.68 24.18
C LYS B 15 -53.77 15.11 24.17
N TYR B 16 -53.24 15.42 25.35
CA TYR B 16 -51.84 15.80 25.51
C TYR B 16 -50.91 14.62 25.23
N ARG B 17 -51.31 13.44 25.66
CA ARG B 17 -50.54 12.21 25.46
C ARG B 17 -50.47 11.81 23.99
N LEU B 18 -51.57 12.02 23.27
CA LEU B 18 -51.63 11.76 21.84
C LEU B 18 -50.79 12.78 21.06
N GLN B 19 -50.82 14.03 21.53
CA GLN B 19 -50.03 15.11 20.92
C GLN B 19 -48.53 14.88 21.12
N LYS B 20 -48.16 14.31 22.26
CA LYS B 20 -46.77 13.97 22.57
C LYS B 20 -46.23 12.89 21.62
N LEU B 21 -47.02 11.84 21.42
CA LEU B 21 -46.63 10.73 20.56
C LEU B 21 -46.65 11.09 19.07
N GLN B 22 -47.53 12.02 18.70
CA GLN B 22 -47.58 12.54 17.33
C GLN B 22 -46.37 13.44 17.04
N ASN B 23 -45.90 14.13 18.07
CA ASN B 23 -44.69 14.94 17.99
C ASN B 23 -43.43 14.09 17.85
N ASP B 24 -43.40 12.98 18.59
CA ASP B 24 -42.28 12.03 18.54
C ASP B 24 -42.14 11.39 17.16
N GLU B 25 -43.28 11.13 16.52
CA GLU B 25 -43.32 10.56 15.17
C GLU B 25 -42.73 11.53 14.14
N ILE B 27 -40.65 14.09 14.90
CA ILE B 27 -39.24 14.30 15.26
C ILE B 27 -38.38 13.12 14.82
N TRP B 28 -38.94 11.91 14.90
CA TRP B 28 -38.23 10.71 14.42
C TRP B 28 -37.95 10.76 12.95
N THR B 29 -38.87 11.35 12.18
CA THR B 29 -38.71 11.52 10.73
C THR B 29 -37.50 12.39 10.41
N LYS B 30 -37.25 13.40 11.26
CA LYS B 30 -36.05 14.23 11.16
C LYS B 30 -34.81 13.50 11.63
N GLU B 31 -34.96 12.69 12.69
CA GLU B 31 -33.86 11.89 13.25
C GLU B 31 -33.43 10.78 12.30
N ARG B 32 -34.39 10.21 11.57
CA ARG B 32 -34.13 9.16 10.58
C ARG B 32 -33.39 9.74 9.38
N GLN B 33 -33.78 10.94 8.96
CA GLN B 33 -33.11 11.66 7.88
C GLN B 33 -31.68 12.04 8.29
N SER B 34 -31.52 12.40 9.56
CA SER B 34 -30.20 12.74 10.11
C SER B 34 -29.26 11.53 10.15
N LEU B 35 -29.81 10.35 10.42
CA LEU B 35 -29.05 9.11 10.43
C LEU B 35 -28.67 8.66 9.03
N LEU B 36 -29.55 8.90 8.06
CA LEU B 36 -29.31 8.57 6.65
C LEU B 36 -28.25 9.48 6.01
N GLU B 37 -28.26 10.75 6.39
CA GLU B 37 -27.24 11.71 5.95
C GLU B 37 -25.88 11.36 6.52
N LYS B 38 -25.88 10.83 7.75
CA LYS B 38 -24.66 10.38 8.43
C LYS B 38 -24.18 9.05 7.84
N ASN B 40 -24.65 8.20 4.66
CA ASN B 40 -24.10 8.58 3.35
C ASN B 40 -22.68 9.14 3.44
N ASN B 41 -22.40 9.88 4.52
CA ASN B 41 -21.07 10.42 4.79
C ASN B 41 -20.05 9.33 5.12
N THR B 42 -20.45 8.37 5.96
CA THR B 42 -19.62 7.24 6.34
C THR B 42 -19.31 6.35 5.14
N GLU B 43 -20.29 6.23 4.24
CA GLU B 43 -20.13 5.47 3.00
C GLU B 43 -19.12 6.15 2.06
N ASN B 44 -19.13 7.48 2.06
CA ASN B 44 -18.19 8.27 1.26
C ASN B 44 -16.75 8.19 1.76
N TYR B 45 -16.59 8.07 3.08
CA TYR B 45 -15.27 7.90 3.68
C TYR B 45 -14.73 6.50 3.36
N LYS B 46 -15.62 5.51 3.40
CA LYS B 46 -15.30 4.13 3.02
C LYS B 46 -14.86 4.06 1.56
N ILE B 47 -15.61 4.74 0.69
CA ILE B 47 -15.29 4.83 -0.74
C ILE B 47 -13.93 5.49 -0.97
N GLU B 48 -13.64 6.54 -0.21
CA GLU B 48 -12.35 7.24 -0.28
C GLU B 48 -11.20 6.35 0.22
N ILE B 50 -11.25 3.02 0.03
CA ILE B 50 -11.09 2.00 -1.01
C ILE B 50 -10.27 2.55 -2.18
N LYS B 51 -10.53 3.80 -2.54
CA LYS B 51 -9.78 4.49 -3.60
C LYS B 51 -8.30 4.66 -3.22
N GLU B 52 -8.06 4.93 -1.93
CA GLU B 52 -6.71 5.06 -1.40
C GLU B 52 -6.02 3.71 -1.29
N ASN B 53 -6.80 2.65 -1.10
CA ASN B 53 -6.29 1.28 -1.01
C ASN B 53 -5.76 0.78 -2.35
N GLU B 54 -6.53 1.04 -3.41
CA GLU B 54 -6.16 0.62 -4.77
C GLU B 54 -5.02 1.45 -5.35
N LEU B 56 -2.55 2.71 -3.42
CA LEU B 56 -1.35 2.23 -2.72
C LEU B 56 -0.90 0.85 -3.20
N ARG B 57 -1.84 0.05 -3.71
CA ARG B 57 -1.53 -1.27 -4.26
C ARG B 57 -0.81 -1.16 -5.60
N GLU B 58 -1.23 -0.18 -6.41
CA GLU B 58 -0.61 0.08 -7.71
C GLU B 58 0.78 0.69 -7.57
N GLN B 59 0.96 1.51 -6.53
CA GLN B 59 2.26 2.11 -6.22
C GLN B 59 3.25 1.07 -5.69
N LEU B 60 2.74 0.10 -4.95
CA LEU B 60 3.56 -1.00 -4.43
C LEU B 60 3.90 -2.01 -5.53
N LYS B 61 2.94 -2.25 -6.42
CA LYS B 61 3.11 -3.16 -7.56
C LYS B 61 4.17 -2.63 -8.53
N GLU B 62 4.23 -1.30 -8.67
CA GLU B 62 5.24 -0.64 -9.50
C GLU B 62 6.61 -0.66 -8.80
N ALA B 63 6.60 -0.48 -7.48
CA ALA B 63 7.83 -0.48 -6.69
C ALA B 63 8.48 -1.87 -6.62
N GLN B 64 7.65 -2.90 -6.54
CA GLN B 64 8.13 -4.29 -6.50
C GLN B 64 8.66 -4.76 -7.85
N SER B 65 8.04 -4.29 -8.92
CA SER B 65 8.49 -4.59 -10.28
C SER B 65 9.76 -3.82 -10.62
N LYS B 66 9.91 -2.66 -10.01
CA LYS B 66 11.10 -1.81 -10.16
C LYS B 66 12.26 -2.38 -9.33
N LEU B 67 11.92 -3.08 -8.25
CA LEU B 67 12.91 -3.70 -7.38
C LEU B 67 13.40 -5.03 -7.94
N ASN B 68 12.50 -5.77 -8.60
CA ASN B 68 12.82 -7.09 -9.16
C ASN B 68 13.74 -7.02 -10.37
N GLU B 69 13.58 -5.98 -11.19
CA GLU B 69 14.43 -5.78 -12.36
C GLU B 69 15.86 -5.40 -11.97
N LYS B 70 16.01 -4.71 -10.85
CA LYS B 70 17.30 -4.32 -10.32
C LYS B 70 18.01 -5.49 -9.62
N ASN B 71 17.24 -6.49 -9.20
CA ASN B 71 17.79 -7.75 -8.70
C ASN B 71 18.41 -8.56 -9.85
N ILE B 72 17.80 -8.46 -11.03
CA ILE B 72 18.32 -9.06 -12.25
C ILE B 72 19.57 -8.31 -12.70
N GLN B 73 19.49 -6.98 -12.68
CA GLN B 73 20.60 -6.10 -13.09
C GLN B 73 21.84 -6.26 -12.20
N LEU B 74 21.61 -6.43 -10.90
CA LEU B 74 22.71 -6.59 -9.93
C LEU B 74 23.40 -7.95 -10.07
N ARG B 75 22.61 -9.00 -10.31
CA ARG B 75 23.13 -10.34 -10.50
C ARG B 75 23.76 -10.51 -11.89
N SER B 76 23.35 -9.67 -12.83
CA SER B 76 23.95 -9.63 -14.17
C SER B 76 25.30 -8.92 -14.14
N LYS B 77 25.38 -7.85 -13.35
CA LYS B 77 26.64 -7.12 -13.14
C LYS B 77 27.62 -7.97 -12.33
N GLU B 78 27.09 -8.81 -11.45
CA GLU B 78 27.86 -9.81 -10.71
C GLU B 78 28.64 -10.72 -11.65
N ILE B 79 27.97 -11.18 -12.70
CA ILE B 79 28.59 -12.02 -13.74
C ILE B 79 29.56 -11.20 -14.58
N ASP B 80 29.20 -9.95 -14.87
CA ASP B 80 30.05 -9.04 -15.64
C ASP B 80 31.37 -8.70 -14.94
N VAL B 81 31.31 -8.56 -13.61
CA VAL B 81 32.50 -8.32 -12.80
C VAL B 81 33.41 -9.56 -12.77
N ASN B 82 32.78 -10.73 -12.67
CA ASN B 82 33.50 -12.01 -12.68
C ASN B 82 34.23 -12.29 -13.99
N LYS B 83 33.64 -11.85 -15.10
CA LYS B 83 34.27 -11.98 -16.42
C LYS B 83 35.53 -11.15 -16.53
N LEU B 84 35.47 -9.93 -16.00
CA LEU B 84 36.61 -9.01 -15.99
C LEU B 84 37.68 -9.42 -14.98
N SER B 85 37.23 -10.01 -13.86
CA SER B 85 38.13 -10.50 -12.81
C SER B 85 38.95 -11.69 -13.29
N ASP B 86 38.30 -12.56 -14.09
CA ASP B 86 38.96 -13.72 -14.67
C ASP B 86 39.85 -13.33 -15.86
N ARG B 87 39.52 -12.20 -16.51
CA ARG B 87 40.31 -11.66 -17.62
C ARG B 87 41.61 -11.04 -17.12
N VAL B 88 41.55 -10.37 -15.97
CA VAL B 88 42.73 -9.79 -15.33
C VAL B 88 43.74 -10.88 -14.94
N LEU B 89 43.22 -11.96 -14.36
CA LEU B 89 44.04 -13.11 -13.97
C LEU B 89 44.63 -13.85 -15.17
N SER B 90 43.93 -13.81 -16.30
CA SER B 90 44.39 -14.43 -17.53
C SER B 90 45.55 -13.64 -18.16
N LEU B 91 45.47 -12.31 -18.09
CA LEU B 91 46.52 -11.44 -18.62
C LEU B 91 47.76 -11.41 -17.74
N GLU B 92 47.57 -11.57 -16.43
CA GLU B 92 48.68 -11.70 -15.49
C GLU B 92 49.40 -13.04 -15.68
N ASN B 93 48.64 -14.05 -16.08
CA ASN B 93 49.17 -15.37 -16.41
C ASN B 93 49.96 -15.34 -17.72
N GLU B 94 49.45 -14.61 -18.70
CA GLU B 94 50.11 -14.46 -20.00
C GLU B 94 51.40 -13.64 -19.90
N LEU B 95 51.41 -12.66 -18.99
CA LEU B 95 52.58 -11.81 -18.76
C LEU B 95 53.77 -12.59 -18.18
N ARG B 96 53.48 -13.54 -17.30
CA ARG B 96 54.52 -14.40 -16.72
C ARG B 96 55.02 -15.42 -17.75
N ASN B 97 54.12 -15.92 -18.58
CA ASN B 97 54.48 -16.78 -19.71
C ASN B 97 55.35 -16.04 -20.72
N GLU B 99 57.21 -13.49 -19.64
CA GLU B 99 58.40 -13.26 -18.81
C GLU B 99 59.35 -14.46 -18.86
N ILE B 100 58.78 -15.65 -18.96
CA ILE B 100 59.55 -16.89 -19.08
C ILE B 100 60.23 -16.97 -20.45
N GLU B 101 59.51 -16.62 -21.51
CA GLU B 101 60.04 -16.60 -22.88
C GLU B 101 61.12 -15.54 -23.06
N LEU B 102 60.99 -14.42 -22.36
CA LEU B 102 61.96 -13.32 -22.41
C LEU B 102 63.26 -13.71 -21.68
N ASP B 103 63.11 -14.46 -20.58
CA ASP B 103 64.26 -14.91 -19.78
C ASP B 103 65.05 -16.03 -20.47
N ARG B 104 64.37 -16.79 -21.33
CA ARG B 104 65.01 -17.89 -22.06
C ARG B 104 65.87 -17.39 -23.23
N ASN B 105 65.77 -16.10 -23.53
CA ASN B 105 66.59 -15.47 -24.56
C ASN B 105 67.74 -14.65 -23.97
#